data_1KWF
#
_entry.id   1KWF
#
_cell.length_a   49.336
_cell.length_b   62.767
_cell.length_c   103.493
_cell.angle_alpha   90.00
_cell.angle_beta   90.00
_cell.angle_gamma   90.00
#
_symmetry.space_group_name_H-M   'P 21 21 21'
#
loop_
_entity.id
_entity.type
_entity.pdbx_description
1 polymer 'Endoglucanase A'
2 branched beta-D-glucopyranose-(1-4)-beta-D-glucopyranose-(1-4)-beta-D-glucopyranose-(1-4)-beta-D-glucopyranose-(1-4)-beta-D-glucopyranose
3 non-polymer beta-D-glucopyranose
4 water water
#
_entity_poly.entity_id   1
_entity_poly.type   'polypeptide(L)'
_entity_poly.pdbx_seq_one_letter_code
;AGVPFNTKYPYGPTSIADNQSEVTAMLKAEWEDWKSKRITSNGAGGYKRVQRDASTNYDTVSQGMGYGLLLAVCFNEQAL
FDDLYRYVKSHFNGNGLMHWHIDANNNVTSHDGGDGAATDADEDIALALIFADKLWGSSGAINYGQEARTLINNLYNHCV
EHGSYVLKPGDRWGGSSVTNPSYFAPAWYKVYAQYTGDTRWNQVADKCYQIVEEVKKYNNGTGLVPDWCTASGTPASGQS
YDYKYDATRYGWRTAVDYSWFGDQRAKANCDMLTKFFARDGAKGIVDGYTIQGSKISNNHNASFIGPVAAASMTGYDLNF
AKELYRETVAVKDSEYYGYYGNSLRLLTLLYITGNFPNPLSDL
;
_entity_poly.pdbx_strand_id   A
#
# COMPACT_ATOMS: atom_id res chain seq x y z
N ALA A 1 -8.95 8.46 -19.46
CA ALA A 1 -8.58 7.38 -18.52
C ALA A 1 -7.72 7.87 -17.36
N GLY A 2 -8.04 7.42 -16.17
CA GLY A 2 -7.25 7.71 -14.98
C GLY A 2 -7.53 9.10 -14.44
N VAL A 3 -6.56 9.61 -13.64
CA VAL A 3 -6.72 10.88 -12.98
C VAL A 3 -7.08 11.97 -13.98
N PRO A 4 -8.15 12.75 -13.73
CA PRO A 4 -9.13 12.58 -12.67
C PRO A 4 -10.14 11.50 -13.03
N PHE A 5 -10.33 10.55 -12.12
CA PHE A 5 -11.28 9.48 -12.39
C PHE A 5 -12.72 10.00 -12.44
N ASN A 6 -13.05 11.00 -11.66
CA ASN A 6 -14.38 11.58 -11.54
C ASN A 6 -15.40 10.64 -10.95
N THR A 7 -14.97 9.62 -10.26
CA THR A 7 -15.79 8.62 -9.61
C THR A 7 -16.15 9.05 -8.22
N LYS A 8 -17.16 8.36 -7.68
CA LYS A 8 -17.61 8.61 -6.30
C LYS A 8 -17.50 7.30 -5.52
N TYR A 9 -16.76 7.28 -4.43
CA TYR A 9 -16.73 6.10 -3.61
C TYR A 9 -18.14 5.81 -3.11
N PRO A 10 -18.54 4.54 -3.01
CA PRO A 10 -19.91 4.23 -2.60
C PRO A 10 -20.17 4.47 -1.11
N TYR A 11 -19.15 4.61 -0.30
CA TYR A 11 -19.28 4.89 1.13
C TYR A 11 -18.30 5.99 1.48
N GLY A 12 -18.67 6.85 2.42
CA GLY A 12 -17.81 7.92 2.87
C GLY A 12 -17.72 9.05 1.88
N PRO A 13 -16.78 9.96 2.16
N PRO A 13 -16.91 10.06 2.18
CA PRO A 13 -16.63 11.15 1.29
CA PRO A 13 -16.73 11.13 1.17
C PRO A 13 -16.09 10.80 -0.09
C PRO A 13 -15.83 10.59 0.05
N THR A 14 -16.55 11.56 -1.10
N THR A 14 -15.96 11.25 -1.09
CA THR A 14 -15.95 11.47 -2.45
CA THR A 14 -15.12 10.95 -2.24
C THR A 14 -14.50 11.92 -2.44
C THR A 14 -13.81 11.70 -2.13
N SER A 15 -14.12 12.95 -1.69
CA SER A 15 -12.87 13.65 -1.57
C SER A 15 -12.89 14.49 -0.31
N ILE A 16 -11.74 14.63 0.35
CA ILE A 16 -11.55 15.54 1.46
C ILE A 16 -10.70 16.75 1.07
N ALA A 17 -10.54 16.99 -0.22
CA ALA A 17 -9.84 18.17 -0.73
C ALA A 17 -10.86 19.23 -1.21
N ASP A 18 -10.65 20.49 -1.42
CA ASP A 18 -11.61 21.40 -2.08
C ASP A 18 -11.07 21.76 -3.46
N ASN A 19 -11.90 22.23 -4.33
CA ASN A 19 -11.65 22.73 -5.65
C ASN A 19 -10.95 21.71 -6.58
N GLN A 20 -11.72 20.78 -7.13
CA GLN A 20 -11.14 19.64 -7.81
C GLN A 20 -10.17 20.00 -8.91
N SER A 21 -10.48 21.01 -9.73
CA SER A 21 -9.55 21.30 -10.84
C SER A 21 -8.18 21.61 -10.36
N GLU A 22 -8.05 22.33 -9.24
CA GLU A 22 -6.76 22.63 -8.65
C GLU A 22 -6.11 21.36 -8.09
N VAL A 23 -6.92 20.47 -7.53
CA VAL A 23 -6.39 19.20 -7.01
C VAL A 23 -5.82 18.37 -8.14
N THR A 24 -6.54 18.27 -9.26
CA THR A 24 -6.09 17.50 -10.35
C THR A 24 -4.74 17.98 -10.89
N ALA A 25 -4.57 19.28 -11.03
CA ALA A 25 -3.32 19.86 -11.46
C ALA A 25 -2.20 19.54 -10.49
N MET A 26 -2.49 19.62 -9.19
CA MET A 26 -1.52 19.29 -8.16
C MET A 26 -1.08 17.83 -8.30
N LEU A 27 -2.05 16.93 -8.46
CA LEU A 27 -1.71 15.52 -8.57
C LEU A 27 -0.81 15.25 -9.76
N LYS A 28 -1.16 15.81 -10.92
CA LYS A 28 -0.35 15.61 -12.13
C LYS A 28 1.04 16.18 -11.94
N ALA A 29 1.19 17.31 -11.32
CA ALA A 29 2.52 17.88 -11.12
C ALA A 29 3.31 16.99 -10.16
N GLU A 30 2.69 16.48 -9.09
CA GLU A 30 3.38 15.60 -8.16
C GLU A 30 3.77 14.29 -8.81
N TRP A 31 2.93 13.79 -9.72
CA TRP A 31 3.28 12.61 -10.51
C TRP A 31 4.44 12.86 -11.41
N GLU A 32 4.49 14.00 -12.11
CA GLU A 32 5.63 14.28 -12.98
C GLU A 32 6.91 14.31 -12.14
N ASP A 33 6.85 14.90 -10.96
CA ASP A 33 8.02 14.99 -10.08
C ASP A 33 8.47 13.60 -9.62
N TRP A 34 7.49 12.78 -9.17
CA TRP A 34 7.80 11.44 -8.69
C TRP A 34 8.40 10.62 -9.83
N LYS A 35 7.80 10.68 -11.02
CA LYS A 35 8.32 9.95 -12.17
C LYS A 35 9.75 10.36 -12.48
N SER A 36 10.03 11.66 -12.49
CA SER A 36 11.35 12.14 -12.83
C SER A 36 12.39 11.56 -11.88
N LYS A 37 12.08 11.59 -10.57
CA LYS A 37 13.01 11.21 -9.54
C LYS A 37 13.17 9.71 -9.39
N ARG A 38 12.07 8.97 -9.50
CA ARG A 38 11.99 7.59 -9.07
C ARG A 38 12.17 6.57 -10.20
N ILE A 39 11.89 6.94 -11.44
CA ILE A 39 11.94 5.98 -12.53
C ILE A 39 13.25 6.07 -13.24
N THR A 40 13.91 4.91 -13.48
CA THR A 40 15.15 4.92 -14.22
C THR A 40 15.23 3.66 -15.09
N SER A 41 15.96 3.80 -16.20
CA SER A 41 16.39 2.68 -17.00
C SER A 41 17.72 2.08 -16.52
N ASN A 42 18.48 2.84 -15.72
CA ASN A 42 19.77 2.29 -15.35
CA ASN A 42 19.78 2.36 -15.24
C ASN A 42 19.59 1.13 -14.38
N GLY A 43 20.23 0.00 -14.70
CA GLY A 43 20.08 -1.18 -13.91
C GLY A 43 18.70 -1.83 -14.01
N ALA A 44 18.00 -1.58 -15.12
CA ALA A 44 16.62 -2.06 -15.29
C ALA A 44 16.48 -3.11 -16.38
N GLY A 45 17.60 -3.65 -16.89
CA GLY A 45 17.53 -4.81 -17.75
C GLY A 45 16.96 -4.61 -19.13
N GLY A 46 16.88 -3.36 -19.56
CA GLY A 46 16.26 -3.00 -20.81
C GLY A 46 14.89 -2.32 -20.64
N TYR A 47 14.41 -2.33 -19.39
CA TYR A 47 13.05 -1.89 -19.05
C TYR A 47 13.15 -0.64 -18.20
N LYS A 48 12.25 -0.48 -17.23
N LYS A 48 12.29 -0.50 -17.20
CA LYS A 48 12.30 0.59 -16.26
CA LYS A 48 12.41 0.61 -16.25
C LYS A 48 12.13 0.00 -14.86
C LYS A 48 12.12 0.04 -14.86
N ARG A 49 12.69 0.66 -13.86
CA ARG A 49 12.47 0.29 -12.48
C ARG A 49 12.18 1.52 -11.66
N VAL A 50 11.57 1.28 -10.48
CA VAL A 50 11.42 2.29 -9.42
C VAL A 50 12.64 2.15 -8.52
N GLN A 51 13.45 3.19 -8.47
CA GLN A 51 14.59 3.24 -7.58
C GLN A 51 14.19 3.90 -6.28
N ARG A 52 14.81 3.43 -5.19
CA ARG A 52 14.81 4.15 -3.93
C ARG A 52 15.76 5.34 -4.06
N ASP A 53 16.12 5.95 -2.95
CA ASP A 53 16.78 7.23 -2.91
C ASP A 53 18.26 7.08 -2.55
N ALA A 54 18.92 8.23 -2.38
CA ALA A 54 20.34 8.24 -2.07
C ALA A 54 20.65 7.48 -0.79
N SER A 55 19.71 7.47 0.17
CA SER A 55 19.96 6.88 1.47
C SER A 55 20.19 5.35 1.39
N THR A 56 19.74 4.72 0.32
CA THR A 56 20.00 3.29 0.11
C THR A 56 20.59 3.06 -1.30
N ASN A 57 21.29 4.07 -1.83
CA ASN A 57 22.08 3.90 -3.06
C ASN A 57 21.24 3.46 -4.24
N TYR A 58 20.01 3.98 -4.35
CA TYR A 58 19.24 3.82 -5.57
C TYR A 58 18.99 2.38 -5.93
N ASP A 59 18.81 1.53 -4.91
CA ASP A 59 18.43 0.16 -5.08
C ASP A 59 16.94 0.09 -5.46
N THR A 60 16.44 -1.13 -5.66
CA THR A 60 15.00 -1.35 -5.89
C THR A 60 14.53 -2.36 -4.84
N VAL A 61 13.32 -2.10 -4.32
CA VAL A 61 12.61 -3.12 -3.56
C VAL A 61 11.31 -3.41 -4.31
N SER A 62 10.83 -4.65 -4.14
CA SER A 62 9.60 -5.00 -4.83
C SER A 62 8.43 -4.08 -4.42
N GLN A 63 8.44 -3.60 -3.17
CA GLN A 63 7.43 -2.65 -2.74
C GLN A 63 7.33 -1.45 -3.67
N GLY A 64 8.48 -0.94 -4.09
CA GLY A 64 8.51 0.23 -4.94
C GLY A 64 7.94 -0.03 -6.30
N MET A 65 8.12 -1.26 -6.83
CA MET A 65 7.47 -1.66 -8.06
C MET A 65 5.96 -1.69 -7.91
N GLY A 66 5.46 -2.22 -6.75
CA GLY A 66 4.04 -2.17 -6.51
C GLY A 66 3.50 -0.73 -6.47
N TYR A 67 4.20 0.15 -5.74
CA TYR A 67 3.77 1.55 -5.69
C TYR A 67 3.80 2.17 -7.07
N GLY A 68 4.89 1.96 -7.82
CA GLY A 68 5.04 2.57 -9.12
C GLY A 68 4.02 2.09 -10.13
N LEU A 69 3.67 0.81 -10.10
CA LEU A 69 2.66 0.28 -11.00
C LEU A 69 1.27 0.88 -10.67
N LEU A 70 0.94 0.95 -9.37
CA LEU A 70 -0.32 1.57 -8.99
C LEU A 70 -0.38 3.02 -9.47
N LEU A 71 0.70 3.78 -9.23
CA LEU A 71 0.75 5.15 -9.67
C LEU A 71 0.64 5.26 -11.19
N ALA A 72 1.42 4.46 -11.90
CA ALA A 72 1.44 4.56 -13.39
C ALA A 72 0.06 4.32 -13.96
N VAL A 73 -0.66 3.29 -13.48
CA VAL A 73 -1.96 3.03 -14.07
C VAL A 73 -2.97 4.14 -13.70
N CYS A 74 -2.90 4.64 -12.44
CA CYS A 74 -3.80 5.71 -12.07
C CYS A 74 -3.56 6.99 -12.85
N PHE A 75 -2.32 7.23 -13.28
CA PHE A 75 -1.97 8.38 -14.09
C PHE A 75 -1.94 8.08 -15.59
N ASN A 76 -2.55 6.94 -15.99
CA ASN A 76 -2.76 6.59 -17.40
C ASN A 76 -1.43 6.60 -18.19
N GLU A 77 -0.42 5.95 -17.65
CA GLU A 77 0.91 5.86 -18.23
C GLU A 77 1.20 4.41 -18.65
N GLN A 78 0.57 3.97 -19.76
CA GLN A 78 0.61 2.59 -20.13
C GLN A 78 1.99 2.12 -20.57
N ALA A 79 2.70 2.93 -21.37
CA ALA A 79 4.04 2.47 -21.82
C ALA A 79 4.97 2.30 -20.62
N LEU A 80 4.92 3.26 -19.67
CA LEU A 80 5.72 3.16 -18.47
C LEU A 80 5.30 1.95 -17.65
N PHE A 81 4.01 1.77 -17.43
CA PHE A 81 3.52 0.61 -16.68
C PHE A 81 4.12 -0.68 -17.25
N ASP A 82 4.01 -0.81 -18.59
CA ASP A 82 4.47 -2.05 -19.20
C ASP A 82 5.94 -2.27 -18.98
N ASP A 83 6.75 -1.21 -19.10
CA ASP A 83 8.21 -1.38 -18.84
C ASP A 83 8.49 -1.71 -17.39
N LEU A 84 7.79 -1.07 -16.44
CA LEU A 84 7.92 -1.43 -15.04
C LEU A 84 7.56 -2.90 -14.82
N TYR A 85 6.47 -3.34 -15.44
CA TYR A 85 6.06 -4.71 -15.26
C TYR A 85 7.04 -5.71 -15.88
N ARG A 86 7.66 -5.34 -17.02
CA ARG A 86 8.69 -6.21 -17.57
C ARG A 86 9.83 -6.37 -16.58
N TYR A 87 10.23 -5.33 -15.86
CA TYR A 87 11.23 -5.47 -14.81
C TYR A 87 10.74 -6.42 -13.71
N VAL A 88 9.49 -6.27 -13.24
CA VAL A 88 8.93 -7.20 -12.26
C VAL A 88 9.06 -8.64 -12.77
N LYS A 89 8.62 -8.94 -13.99
N LYS A 89 8.56 -8.84 -13.98
CA LYS A 89 8.67 -10.29 -14.58
CA LYS A 89 8.57 -10.22 -14.49
C LYS A 89 10.07 -10.88 -14.63
C LYS A 89 9.98 -10.77 -14.60
N SER A 90 11.00 -9.97 -14.87
CA SER A 90 12.40 -10.34 -14.91
C SER A 90 12.94 -10.66 -13.54
N HIS A 91 12.14 -10.49 -12.51
CA HIS A 91 12.47 -10.75 -11.13
C HIS A 91 11.50 -11.67 -10.40
N PHE A 92 10.63 -12.40 -11.11
CA PHE A 92 9.82 -13.39 -10.42
C PHE A 92 10.69 -14.56 -9.95
N ASN A 93 10.53 -14.95 -8.71
CA ASN A 93 11.31 -16.02 -8.11
C ASN A 93 10.70 -17.37 -8.44
N GLY A 94 11.22 -18.42 -7.81
CA GLY A 94 10.77 -19.78 -8.12
C GLY A 94 9.32 -20.03 -7.76
N ASN A 95 8.72 -19.18 -6.95
CA ASN A 95 7.32 -19.24 -6.56
C ASN A 95 6.46 -18.27 -7.33
N GLY A 96 7.02 -17.58 -8.31
CA GLY A 96 6.29 -16.65 -9.12
C GLY A 96 5.94 -15.32 -8.45
N LEU A 97 6.79 -14.93 -7.49
CA LEU A 97 6.61 -13.71 -6.70
C LEU A 97 7.91 -12.91 -6.75
N MET A 98 7.83 -11.58 -6.70
CA MET A 98 9.01 -10.79 -7.05
C MET A 98 10.12 -10.86 -6.01
N HIS A 99 11.36 -11.00 -6.45
CA HIS A 99 12.52 -10.76 -5.59
C HIS A 99 12.31 -9.43 -4.85
N TRP A 100 12.50 -9.46 -3.51
CA TRP A 100 12.17 -8.23 -2.80
C TRP A 100 13.25 -7.19 -2.87
N HIS A 101 14.52 -7.54 -3.09
CA HIS A 101 15.60 -6.57 -3.00
C HIS A 101 16.64 -6.82 -4.09
N ILE A 102 16.85 -5.74 -4.90
CA ILE A 102 17.79 -5.77 -6.01
C ILE A 102 18.63 -4.52 -5.91
N ASP A 103 19.95 -4.66 -6.14
CA ASP A 103 20.80 -3.46 -6.12
C ASP A 103 20.64 -2.65 -7.39
N ALA A 104 21.27 -1.48 -7.43
CA ALA A 104 21.15 -0.56 -8.56
C ALA A 104 21.72 -1.13 -9.85
N ASN A 105 22.53 -2.17 -9.76
CA ASN A 105 23.11 -2.83 -10.92
C ASN A 105 22.39 -4.09 -11.32
N ASN A 106 21.19 -4.31 -10.78
CA ASN A 106 20.32 -5.42 -11.20
C ASN A 106 20.82 -6.78 -10.70
N ASN A 107 21.51 -6.79 -9.54
CA ASN A 107 21.83 -8.02 -8.85
C ASN A 107 20.94 -8.18 -7.62
N VAL A 108 20.32 -9.33 -7.48
CA VAL A 108 19.52 -9.64 -6.30
C VAL A 108 20.43 -9.70 -5.11
N THR A 109 20.06 -9.07 -4.00
CA THR A 109 20.92 -9.07 -2.82
C THR A 109 20.88 -10.45 -2.13
N SER A 110 22.05 -10.88 -1.64
CA SER A 110 22.16 -12.23 -1.12
C SER A 110 22.30 -12.26 0.39
N HIS A 111 22.60 -11.17 1.02
CA HIS A 111 22.87 -11.10 2.45
C HIS A 111 21.59 -11.03 3.29
N ASP A 112 20.46 -10.71 2.66
CA ASP A 112 19.22 -10.36 3.31
C ASP A 112 18.06 -11.12 2.64
N GLY A 113 18.36 -12.24 2.01
CA GLY A 113 17.30 -13.01 1.41
C GLY A 113 16.55 -12.28 0.31
N GLY A 114 17.28 -11.51 -0.51
CA GLY A 114 16.68 -10.71 -1.53
C GLY A 114 15.89 -11.42 -2.59
N ASP A 115 16.12 -12.73 -2.72
CA ASP A 115 15.39 -13.55 -3.67
C ASP A 115 13.97 -13.90 -3.19
N GLY A 116 13.76 -13.85 -1.87
CA GLY A 116 12.45 -14.09 -1.33
C GLY A 116 11.52 -12.91 -1.61
N ALA A 117 10.21 -13.18 -1.57
CA ALA A 117 9.22 -12.16 -1.87
C ALA A 117 8.65 -11.54 -0.59
N ALA A 118 8.15 -10.33 -0.73
CA ALA A 118 7.44 -9.59 0.33
C ALA A 118 5.98 -9.46 -0.08
N THR A 119 5.08 -9.94 0.74
CA THR A 119 3.69 -10.12 0.33
C THR A 119 3.02 -8.80 -0.03
N ASP A 120 3.34 -7.72 0.70
CA ASP A 120 2.69 -6.44 0.39
C ASP A 120 3.05 -5.97 -1.03
N ALA A 121 4.30 -6.18 -1.45
CA ALA A 121 4.69 -5.77 -2.78
C ALA A 121 3.87 -6.52 -3.84
N ASP A 122 3.85 -7.86 -3.74
CA ASP A 122 3.14 -8.62 -4.78
C ASP A 122 1.63 -8.34 -4.74
N GLU A 123 1.06 -8.08 -3.56
CA GLU A 123 -0.37 -7.75 -3.54
C GLU A 123 -0.65 -6.44 -4.27
N ASP A 124 0.26 -5.44 -4.10
CA ASP A 124 0.10 -4.19 -4.80
C ASP A 124 0.30 -4.34 -6.32
N ILE A 125 1.30 -5.15 -6.72
CA ILE A 125 1.51 -5.44 -8.14
C ILE A 125 0.26 -6.10 -8.74
N ALA A 126 -0.31 -7.07 -8.02
CA ALA A 126 -1.48 -7.76 -8.52
C ALA A 126 -2.65 -6.82 -8.67
N LEU A 127 -2.89 -5.94 -7.67
CA LEU A 127 -3.96 -4.98 -7.78
C LEU A 127 -3.75 -4.06 -8.99
N ALA A 128 -2.50 -3.61 -9.17
CA ALA A 128 -2.19 -2.72 -10.28
C ALA A 128 -2.49 -3.39 -11.63
N LEU A 129 -2.19 -4.68 -11.74
CA LEU A 129 -2.52 -5.42 -12.97
C LEU A 129 -4.04 -5.49 -13.23
N ILE A 130 -4.83 -5.59 -12.17
CA ILE A 130 -6.29 -5.55 -12.33
C ILE A 130 -6.72 -4.19 -12.83
N PHE A 131 -6.20 -3.09 -12.22
CA PHE A 131 -6.50 -1.79 -12.76
C PHE A 131 -6.12 -1.69 -14.26
N ALA A 132 -4.95 -2.21 -14.63
CA ALA A 132 -4.50 -2.10 -16.05
C ALA A 132 -5.46 -2.87 -16.96
N ASP A 133 -5.86 -4.08 -16.57
CA ASP A 133 -6.82 -4.85 -17.31
C ASP A 133 -8.10 -4.04 -17.54
N LYS A 134 -8.62 -3.45 -16.46
CA LYS A 134 -9.89 -2.75 -16.51
C LYS A 134 -9.81 -1.42 -17.25
N LEU A 135 -8.70 -0.69 -17.15
CA LEU A 135 -8.55 0.60 -17.74
CA LEU A 135 -8.57 0.61 -17.75
C LEU A 135 -8.15 0.55 -19.22
N TRP A 136 -7.20 -0.35 -19.56
CA TRP A 136 -6.63 -0.41 -20.88
C TRP A 136 -7.04 -1.60 -21.70
N GLY A 137 -7.36 -2.70 -21.05
CA GLY A 137 -7.59 -3.97 -21.72
C GLY A 137 -6.30 -4.78 -21.83
N SER A 138 -6.51 -6.08 -22.02
CA SER A 138 -5.41 -7.06 -21.97
C SER A 138 -5.01 -7.66 -23.34
N SER A 139 -5.44 -7.08 -24.46
CA SER A 139 -5.11 -7.61 -25.77
CA SER A 139 -5.11 -7.59 -25.78
C SER A 139 -3.81 -7.07 -26.38
N GLY A 140 -3.09 -6.20 -25.68
CA GLY A 140 -1.88 -5.61 -26.20
C GLY A 140 -0.64 -6.39 -25.87
N ALA A 141 0.48 -5.69 -25.68
CA ALA A 141 1.76 -6.31 -25.44
C ALA A 141 1.71 -7.21 -24.19
N ILE A 142 1.06 -6.71 -23.14
CA ILE A 142 0.97 -7.42 -21.88
C ILE A 142 -0.47 -7.82 -21.60
N ASN A 143 -0.70 -9.10 -21.35
CA ASN A 143 -2.04 -9.60 -20.99
C ASN A 143 -2.22 -9.43 -19.48
N TYR A 144 -2.63 -8.20 -19.10
CA TYR A 144 -2.68 -7.86 -17.68
C TYR A 144 -3.51 -8.84 -16.87
N GLY A 145 -4.67 -9.26 -17.44
CA GLY A 145 -5.53 -10.11 -16.66
C GLY A 145 -4.94 -11.48 -16.42
N GLN A 146 -4.27 -12.04 -17.44
CA GLN A 146 -3.61 -13.33 -17.26
C GLN A 146 -2.49 -13.21 -16.23
N GLU A 147 -1.69 -12.13 -16.35
CA GLU A 147 -0.60 -11.88 -15.40
CA GLU A 147 -0.61 -11.92 -15.39
C GLU A 147 -1.16 -11.76 -13.97
N ALA A 148 -2.28 -11.06 -13.82
CA ALA A 148 -2.91 -10.87 -12.52
C ALA A 148 -3.36 -12.19 -11.96
N ARG A 149 -4.04 -13.02 -12.76
N ARG A 149 -4.09 -13.00 -12.76
CA ARG A 149 -4.57 -14.29 -12.35
CA ARG A 149 -4.55 -14.25 -12.20
C ARG A 149 -3.45 -15.22 -11.87
C ARG A 149 -3.37 -15.12 -11.76
N THR A 150 -2.32 -15.21 -12.59
CA THR A 150 -1.17 -16.02 -12.21
C THR A 150 -0.62 -15.53 -10.89
N LEU A 151 -0.43 -14.21 -10.77
CA LEU A 151 0.21 -13.65 -9.56
C LEU A 151 -0.68 -13.88 -8.33
N ILE A 152 -1.99 -13.68 -8.47
CA ILE A 152 -2.91 -13.91 -7.37
C ILE A 152 -2.87 -15.35 -6.90
N ASN A 153 -2.80 -16.31 -7.84
CA ASN A 153 -2.68 -17.72 -7.48
CA ASN A 153 -2.72 -17.70 -7.41
C ASN A 153 -1.42 -17.98 -6.69
N ASN A 154 -0.28 -17.39 -7.14
CA ASN A 154 0.97 -17.58 -6.43
C ASN A 154 0.91 -16.94 -5.05
N LEU A 155 0.30 -15.75 -4.96
CA LEU A 155 0.12 -15.08 -3.66
CA LEU A 155 0.10 -15.09 -3.69
C LEU A 155 -0.67 -15.96 -2.71
N TYR A 156 -1.76 -16.56 -3.19
CA TYR A 156 -2.57 -17.38 -2.29
C TYR A 156 -1.77 -18.59 -1.84
N ASN A 157 -1.13 -19.27 -2.83
CA ASN A 157 -0.45 -20.54 -2.53
C ASN A 157 0.67 -20.38 -1.55
N HIS A 158 1.45 -19.29 -1.70
CA HIS A 158 2.68 -19.14 -0.96
C HIS A 158 2.62 -18.12 0.18
N CYS A 159 1.69 -17.16 0.12
CA CYS A 159 1.68 -16.05 1.07
C CYS A 159 0.44 -16.05 1.97
N VAL A 160 -0.36 -17.14 1.92
CA VAL A 160 -1.48 -17.33 2.86
C VAL A 160 -1.20 -18.63 3.61
N GLU A 161 -1.26 -18.61 4.93
CA GLU A 161 -1.08 -19.81 5.72
C GLU A 161 -2.32 -20.69 5.57
N HIS A 162 -2.10 -21.92 5.14
CA HIS A 162 -3.19 -22.86 4.95
C HIS A 162 -3.91 -23.11 6.25
N GLY A 163 -5.20 -23.27 6.21
CA GLY A 163 -6.00 -23.65 7.34
C GLY A 163 -6.52 -22.45 8.14
N SER A 164 -5.58 -21.59 8.53
CA SER A 164 -5.89 -20.43 9.31
C SER A 164 -6.23 -19.19 8.48
N TYR A 165 -5.73 -19.14 7.23
CA TYR A 165 -5.87 -18.00 6.36
C TYR A 165 -5.06 -16.79 6.84
N VAL A 166 -4.09 -16.99 7.72
CA VAL A 166 -3.23 -15.89 8.20
C VAL A 166 -2.31 -15.46 7.03
N LEU A 167 -2.29 -14.16 6.77
CA LEU A 167 -1.39 -13.61 5.76
C LEU A 167 0.04 -13.77 6.24
N LYS A 168 0.88 -14.32 5.38
CA LYS A 168 2.31 -14.44 5.67
C LYS A 168 3.01 -13.19 5.15
N PRO A 169 4.14 -12.81 5.76
CA PRO A 169 4.88 -11.63 5.31
C PRO A 169 5.77 -11.90 4.09
N GLY A 170 5.99 -13.15 3.76
CA GLY A 170 6.71 -13.51 2.57
C GLY A 170 6.25 -14.84 2.07
N ASP A 171 6.80 -15.25 0.92
CA ASP A 171 6.50 -16.53 0.35
C ASP A 171 7.10 -17.70 1.09
N ARG A 172 8.09 -17.46 1.90
CA ARG A 172 8.82 -18.57 2.51
CA ARG A 172 8.89 -18.52 2.49
C ARG A 172 9.08 -18.36 3.99
N TRP A 173 8.34 -17.48 4.66
CA TRP A 173 8.49 -17.35 6.11
C TRP A 173 7.26 -16.71 6.70
N GLY A 174 7.17 -16.89 8.03
CA GLY A 174 6.14 -16.25 8.83
C GLY A 174 4.77 -16.85 8.63
N GLY A 175 3.77 -16.12 9.12
CA GLY A 175 2.42 -16.62 9.31
C GLY A 175 2.01 -16.38 10.76
N SER A 176 1.45 -17.41 11.42
CA SER A 176 0.93 -17.21 12.76
C SER A 176 1.92 -16.70 13.76
N SER A 177 3.22 -17.03 13.61
CA SER A 177 4.22 -16.58 14.59
C SER A 177 4.79 -15.20 14.27
N VAL A 178 4.55 -14.68 13.05
CA VAL A 178 5.02 -13.35 12.68
C VAL A 178 4.35 -12.94 11.36
N THR A 179 3.59 -11.86 11.44
CA THR A 179 3.02 -11.20 10.28
C THR A 179 3.05 -9.69 10.53
N ASN A 180 2.51 -8.94 9.57
CA ASN A 180 2.70 -7.51 9.47
C ASN A 180 1.36 -6.85 9.17
N PRO A 181 0.71 -6.29 10.18
CA PRO A 181 -0.63 -5.68 9.96
C PRO A 181 -0.70 -4.72 8.81
N SER A 182 0.38 -3.94 8.58
CA SER A 182 0.36 -2.98 7.49
C SER A 182 0.31 -3.63 6.11
N TYR A 183 0.50 -4.92 6.02
CA TYR A 183 0.33 -5.66 4.78
C TYR A 183 -1.14 -6.03 4.55
N PHE A 184 -1.96 -5.95 5.61
CA PHE A 184 -3.32 -6.46 5.54
C PHE A 184 -4.15 -5.60 4.62
N ALA A 185 -4.60 -6.19 3.51
CA ALA A 185 -5.27 -5.48 2.43
C ALA A 185 -6.64 -6.09 2.12
N PRO A 186 -7.56 -6.01 3.06
N PRO A 186 -7.55 -6.24 3.13
CA PRO A 186 -8.88 -6.64 2.86
CA PRO A 186 -8.88 -6.78 2.81
C PRO A 186 -9.58 -6.23 1.59
N ALA A 187 -9.48 -4.95 1.25
CA ALA A 187 -10.13 -4.49 0.01
C ALA A 187 -9.53 -5.12 -1.21
N TRP A 188 -8.17 -5.29 -1.21
CA TRP A 188 -7.50 -5.98 -2.30
C TRP A 188 -8.01 -7.42 -2.40
N TYR A 189 -8.13 -8.08 -1.25
CA TYR A 189 -8.53 -9.49 -1.25
C TYR A 189 -9.95 -9.66 -1.74
N LYS A 190 -10.85 -8.77 -1.36
CA LYS A 190 -12.25 -8.84 -1.86
C LYS A 190 -12.23 -8.62 -3.38
N VAL A 191 -11.41 -7.70 -3.88
CA VAL A 191 -11.25 -7.55 -5.35
C VAL A 191 -10.74 -8.84 -5.95
N TYR A 192 -9.71 -9.45 -5.36
CA TYR A 192 -9.20 -10.71 -5.91
C TYR A 192 -10.33 -11.75 -5.98
N ALA A 193 -11.09 -11.88 -4.91
CA ALA A 193 -12.15 -12.88 -4.86
C ALA A 193 -13.15 -12.65 -5.98
N GLN A 194 -13.56 -11.39 -6.17
CA GLN A 194 -14.55 -11.08 -7.21
C GLN A 194 -13.99 -11.23 -8.60
N TYR A 195 -12.73 -10.84 -8.78
CA TYR A 195 -12.08 -10.86 -10.09
C TYR A 195 -11.83 -12.26 -10.57
N THR A 196 -11.34 -13.11 -9.66
CA THR A 196 -10.89 -14.44 -10.02
C THR A 196 -11.96 -15.51 -9.71
N GLY A 197 -12.92 -15.24 -8.87
CA GLY A 197 -13.89 -16.21 -8.42
C GLY A 197 -13.37 -17.04 -7.25
N ASP A 198 -12.14 -16.80 -6.74
CA ASP A 198 -11.60 -17.55 -5.62
C ASP A 198 -12.02 -16.95 -4.28
N THR A 199 -13.12 -17.43 -3.71
CA THR A 199 -13.70 -16.89 -2.53
C THR A 199 -12.87 -17.08 -1.28
N ARG A 200 -11.82 -17.91 -1.34
CA ARG A 200 -10.95 -18.11 -0.18
C ARG A 200 -10.33 -16.81 0.27
N TRP A 201 -10.11 -15.87 -0.65
CA TRP A 201 -9.56 -14.55 -0.30
C TRP A 201 -10.44 -13.81 0.69
N ASN A 202 -11.78 -14.06 0.70
CA ASN A 202 -12.59 -13.41 1.71
C ASN A 202 -12.26 -13.85 3.13
N GLN A 203 -11.87 -15.12 3.28
CA GLN A 203 -11.45 -15.64 4.57
C GLN A 203 -10.13 -15.01 5.03
N VAL A 204 -9.24 -14.71 4.09
CA VAL A 204 -7.99 -14.00 4.43
C VAL A 204 -8.35 -12.61 4.97
N ALA A 205 -9.24 -11.89 4.29
CA ALA A 205 -9.70 -10.60 4.79
C ALA A 205 -10.22 -10.68 6.22
N ASP A 206 -11.09 -11.67 6.47
CA ASP A 206 -11.69 -11.80 7.79
C ASP A 206 -10.62 -12.08 8.86
N LYS A 207 -9.64 -12.93 8.54
CA LYS A 207 -8.58 -13.25 9.48
C LYS A 207 -7.72 -12.02 9.77
N CYS A 208 -7.48 -11.16 8.79
CA CYS A 208 -6.76 -9.93 9.05
C CYS A 208 -7.43 -9.10 10.14
N TYR A 209 -8.76 -8.90 9.98
CA TYR A 209 -9.47 -8.15 11.00
C TYR A 209 -9.44 -8.86 12.35
N GLN A 210 -9.49 -10.18 12.39
CA GLN A 210 -9.41 -10.91 13.67
C GLN A 210 -8.07 -10.67 14.36
N ILE A 211 -6.98 -10.61 13.61
CA ILE A 211 -5.68 -10.36 14.22
C ILE A 211 -5.66 -8.94 14.82
N VAL A 212 -6.17 -7.97 14.08
CA VAL A 212 -6.22 -6.62 14.63
C VAL A 212 -7.13 -6.53 15.83
N GLU A 213 -8.22 -7.30 15.86
CA GLU A 213 -9.08 -7.37 17.04
C GLU A 213 -8.28 -7.83 18.25
N GLU A 214 -7.38 -8.80 18.08
CA GLU A 214 -6.49 -9.21 19.17
C GLU A 214 -5.56 -8.09 19.59
N VAL A 215 -4.99 -7.36 18.60
CA VAL A 215 -4.15 -6.21 18.90
C VAL A 215 -4.83 -5.20 19.81
N LYS A 216 -6.17 -5.03 19.64
CA LYS A 216 -6.93 -4.09 20.45
C LYS A 216 -6.83 -4.40 21.92
N LYS A 217 -6.52 -5.61 22.32
CA LYS A 217 -6.30 -5.89 23.75
C LYS A 217 -5.12 -5.14 24.31
N TYR A 218 -4.17 -4.77 23.45
CA TYR A 218 -2.87 -4.28 23.84
C TYR A 218 -2.58 -2.85 23.44
N ASN A 219 -3.47 -2.20 22.70
CA ASN A 219 -3.23 -0.87 22.17
C ASN A 219 -4.00 0.26 22.86
N ASN A 220 -4.57 -0.03 24.03
CA ASN A 220 -5.00 1.05 24.90
CA ASN A 220 -5.21 0.89 24.93
C ASN A 220 -6.02 1.95 24.19
N GLY A 221 -6.86 1.42 23.30
CA GLY A 221 -7.88 2.23 22.67
C GLY A 221 -7.39 3.22 21.64
N THR A 222 -6.15 3.12 21.19
CA THR A 222 -5.59 4.12 20.27
C THR A 222 -5.85 3.79 18.78
N GLY A 223 -6.20 2.54 18.46
CA GLY A 223 -6.26 2.14 17.09
C GLY A 223 -4.91 1.88 16.44
N LEU A 224 -3.81 2.06 17.17
CA LEU A 224 -2.49 1.87 16.60
C LEU A 224 -2.18 0.38 16.50
N VAL A 225 -1.58 -0.05 15.39
CA VAL A 225 -1.18 -1.42 15.18
C VAL A 225 0.35 -1.50 15.22
N PRO A 226 0.88 -2.65 15.61
CA PRO A 226 2.34 -2.83 15.60
C PRO A 226 2.84 -3.05 14.19
N ASP A 227 4.14 -2.76 14.00
CA ASP A 227 4.81 -3.09 12.74
C ASP A 227 4.69 -4.58 12.44
N TRP A 228 4.91 -5.40 13.48
CA TRP A 228 4.91 -6.84 13.35
C TRP A 228 4.21 -7.43 14.59
N CYS A 229 3.53 -8.59 14.43
CA CYS A 229 2.93 -9.27 15.56
C CYS A 229 2.64 -10.71 15.16
N THR A 230 2.26 -11.51 16.16
CA THR A 230 1.74 -12.83 15.91
C THR A 230 0.27 -12.78 15.55
N ALA A 231 -0.33 -13.94 15.19
CA ALA A 231 -1.76 -14.00 14.94
C ALA A 231 -2.59 -13.75 16.21
N SER A 232 -1.95 -13.80 17.38
CA SER A 232 -2.59 -13.46 18.64
C SER A 232 -2.41 -11.99 18.98
N GLY A 233 -1.86 -11.18 18.09
CA GLY A 233 -1.68 -9.79 18.33
C GLY A 233 -0.59 -9.42 19.32
N THR A 234 0.27 -10.37 19.66
CA THR A 234 1.36 -10.24 20.61
C THR A 234 2.66 -10.01 19.88
N PRO A 235 3.73 -9.63 20.59
CA PRO A 235 4.98 -9.32 19.87
C PRO A 235 5.50 -10.50 19.08
N ALA A 236 6.07 -10.18 17.92
CA ALA A 236 6.83 -11.13 17.11
C ALA A 236 8.29 -10.98 17.49
N SER A 237 8.95 -12.11 17.77
CA SER A 237 10.29 -12.04 18.33
CA SER A 237 10.30 -12.09 18.31
C SER A 237 11.27 -11.37 17.40
N GLY A 238 12.06 -10.47 17.96
CA GLY A 238 13.08 -9.81 17.15
C GLY A 238 12.57 -8.76 16.23
N GLN A 239 11.27 -8.45 16.25
CA GLN A 239 10.65 -7.53 15.31
C GLN A 239 9.93 -6.43 16.10
N SER A 240 9.92 -5.22 15.53
CA SER A 240 9.25 -4.11 16.15
C SER A 240 7.77 -4.42 16.42
N TYR A 241 7.36 -4.12 17.65
CA TYR A 241 6.00 -4.12 18.09
C TYR A 241 5.40 -2.71 18.21
N ASP A 242 6.15 -1.71 17.72
CA ASP A 242 5.75 -0.32 17.76
C ASP A 242 5.11 0.07 16.44
N TYR A 243 4.42 1.23 16.48
CA TYR A 243 3.83 1.84 15.29
C TYR A 243 4.90 2.74 14.65
N LYS A 244 5.56 2.19 13.61
CA LYS A 244 6.60 2.94 12.94
CA LYS A 244 6.64 2.87 12.94
C LYS A 244 6.38 2.86 11.43
N TYR A 245 7.45 2.76 10.62
CA TYR A 245 7.33 2.99 9.19
C TYR A 245 6.67 1.83 8.43
N ASP A 246 6.47 0.68 9.08
CA ASP A 246 5.58 -0.33 8.52
C ASP A 246 4.12 0.03 8.80
N ALA A 247 3.80 0.05 10.12
CA ALA A 247 2.46 0.20 10.63
C ALA A 247 1.72 1.41 10.09
N THR A 248 2.43 2.49 9.76
CA THR A 248 1.82 3.67 9.20
C THR A 248 0.88 3.36 8.06
N ARG A 249 1.15 2.32 7.23
CA ARG A 249 0.31 2.04 6.09
C ARG A 249 -1.03 1.43 6.42
N TYR A 250 -1.21 0.90 7.64
CA TYR A 250 -2.44 0.20 7.99
C TYR A 250 -3.66 1.08 7.77
N GLY A 251 -3.65 2.32 8.22
CA GLY A 251 -4.83 3.14 8.08
C GLY A 251 -5.24 3.40 6.65
N TRP A 252 -4.24 3.48 5.75
CA TRP A 252 -4.50 3.64 4.32
C TRP A 252 -5.20 2.39 3.74
N ARG A 253 -4.54 1.21 3.89
CA ARG A 253 -5.13 0.02 3.30
C ARG A 253 -6.53 -0.23 3.87
N THR A 254 -6.69 0.03 5.17
CA THR A 254 -7.95 -0.27 5.84
C THR A 254 -9.04 0.70 5.42
N ALA A 255 -8.73 1.99 5.30
CA ALA A 255 -9.76 2.97 4.93
C ALA A 255 -10.32 2.65 3.55
N VAL A 256 -9.47 2.19 2.64
CA VAL A 256 -9.95 1.83 1.29
C VAL A 256 -11.05 0.79 1.37
N ASP A 257 -10.97 -0.17 2.30
CA ASP A 257 -12.03 -1.16 2.47
C ASP A 257 -13.39 -0.50 2.83
N TYR A 258 -13.32 0.53 3.69
CA TYR A 258 -14.54 1.28 3.95
C TYR A 258 -15.05 2.00 2.70
N SER A 259 -14.20 2.74 2.01
CA SER A 259 -14.68 3.50 0.87
C SER A 259 -15.24 2.61 -0.25
N TRP A 260 -14.53 1.50 -0.53
CA TRP A 260 -14.92 0.64 -1.64
C TRP A 260 -16.09 -0.28 -1.28
N PHE A 261 -16.10 -0.81 -0.06
CA PHE A 261 -16.98 -1.90 0.31
C PHE A 261 -17.88 -1.58 1.51
N GLY A 262 -17.68 -0.47 2.19
CA GLY A 262 -18.53 -0.12 3.31
C GLY A 262 -18.25 -0.96 4.56
N ASP A 263 -17.08 -1.55 4.66
CA ASP A 263 -16.77 -2.49 5.73
C ASP A 263 -16.77 -1.74 7.08
N GLN A 264 -17.65 -2.16 7.98
CA GLN A 264 -17.81 -1.47 9.25
C GLN A 264 -16.66 -1.79 10.19
N ARG A 265 -15.96 -2.89 10.00
CA ARG A 265 -14.75 -3.15 10.78
C ARG A 265 -13.66 -2.14 10.43
N ALA A 266 -13.54 -1.85 9.12
CA ALA A 266 -12.58 -0.85 8.64
C ALA A 266 -12.89 0.49 9.24
N LYS A 267 -14.17 0.94 9.21
CA LYS A 267 -14.51 2.21 9.79
C LYS A 267 -14.20 2.25 11.29
N ALA A 268 -14.57 1.19 12.02
CA ALA A 268 -14.32 1.21 13.44
C ALA A 268 -12.81 1.40 13.71
N ASN A 269 -11.99 0.66 12.97
CA ASN A 269 -10.56 0.68 13.20
C ASN A 269 -9.96 2.03 12.80
N CYS A 270 -10.36 2.56 11.64
CA CYS A 270 -9.84 3.83 11.17
C CYS A 270 -10.31 5.00 12.02
N ASP A 271 -11.57 4.95 12.49
CA ASP A 271 -12.03 6.01 13.38
C ASP A 271 -11.19 6.06 14.66
N MET A 272 -10.88 4.87 15.22
CA MET A 272 -10.07 4.86 16.44
C MET A 272 -8.71 5.50 16.21
N LEU A 273 -8.06 5.08 15.11
CA LEU A 273 -6.74 5.60 14.75
CA LEU A 273 -6.72 5.59 14.77
C LEU A 273 -6.79 7.11 14.53
N THR A 274 -7.79 7.59 13.76
CA THR A 274 -7.88 9.00 13.49
C THR A 274 -8.07 9.78 14.80
N LYS A 275 -8.96 9.26 15.67
CA LYS A 275 -9.23 9.90 16.94
C LYS A 275 -7.97 10.03 17.78
N PHE A 276 -7.11 9.00 17.77
CA PHE A 276 -5.84 9.09 18.45
C PHE A 276 -5.04 10.28 17.93
N PHE A 277 -4.90 10.39 16.60
CA PHE A 277 -4.10 11.47 16.03
C PHE A 277 -4.74 12.85 16.27
N ALA A 278 -6.06 12.91 16.48
CA ALA A 278 -6.70 14.16 16.79
C ALA A 278 -6.24 14.73 18.10
N ARG A 279 -5.66 13.93 19.01
CA ARG A 279 -5.19 14.45 20.28
C ARG A 279 -4.19 15.58 20.07
N ASP A 280 -3.20 15.37 19.18
CA ASP A 280 -2.18 16.36 18.89
C ASP A 280 -2.48 17.17 17.64
N GLY A 281 -3.37 16.71 16.77
CA GLY A 281 -3.71 17.39 15.55
C GLY A 281 -2.75 17.12 14.39
N ALA A 282 -3.06 17.68 13.23
CA ALA A 282 -2.38 17.32 12.01
C ALA A 282 -0.88 17.63 12.03
N LYS A 283 -0.52 18.77 12.63
CA LYS A 283 0.86 19.18 12.68
CA LYS A 283 0.89 19.16 12.63
C LYS A 283 1.69 18.37 13.66
N GLY A 284 1.03 17.71 14.61
CA GLY A 284 1.68 16.96 15.66
C GLY A 284 2.01 15.52 15.37
N ILE A 285 1.61 15.01 14.18
CA ILE A 285 1.90 13.63 13.81
C ILE A 285 3.42 13.42 13.77
N VAL A 286 3.89 12.38 14.42
CA VAL A 286 5.30 12.03 14.42
C VAL A 286 5.48 10.59 13.92
N ASP A 287 6.77 10.22 13.78
CA ASP A 287 7.17 9.02 13.07
C ASP A 287 7.51 7.85 13.96
N GLY A 288 6.85 7.73 15.10
CA GLY A 288 6.95 6.51 15.90
C GLY A 288 6.23 6.64 17.21
N TYR A 289 5.44 5.62 17.51
CA TYR A 289 4.72 5.54 18.78
C TYR A 289 4.76 4.09 19.25
N THR A 290 4.73 3.86 20.58
CA THR A 290 4.29 2.56 21.02
C THR A 290 2.82 2.38 20.66
N ILE A 291 2.33 1.14 20.63
CA ILE A 291 0.92 0.97 20.27
C ILE A 291 -0.02 1.46 21.36
N GLN A 292 0.49 1.75 22.55
CA GLN A 292 -0.31 2.41 23.59
C GLN A 292 -0.32 3.91 23.45
N GLY A 293 0.39 4.47 22.46
CA GLY A 293 0.34 5.87 22.14
C GLY A 293 1.55 6.69 22.59
N SER A 294 2.57 6.09 23.18
CA SER A 294 3.70 6.86 23.69
C SER A 294 4.62 7.22 22.56
N LYS A 295 4.95 8.51 22.40
CA LYS A 295 5.86 8.94 21.35
C LYS A 295 7.25 8.34 21.56
N ILE A 296 7.81 7.78 20.50
CA ILE A 296 9.15 7.27 20.53
C ILE A 296 10.06 7.88 19.46
N SER A 297 9.54 8.76 18.63
CA SER A 297 10.30 9.51 17.65
C SER A 297 9.47 10.73 17.34
N ASN A 298 10.11 11.77 16.83
CA ASN A 298 9.43 13.06 16.84
C ASN A 298 9.60 13.82 15.51
N ASN A 299 9.84 13.10 14.39
CA ASN A 299 9.92 13.70 13.07
C ASN A 299 8.53 13.75 12.43
N HIS A 300 8.24 14.85 11.77
CA HIS A 300 6.95 15.08 11.09
C HIS A 300 7.19 15.01 9.61
N ASN A 301 6.78 13.90 8.97
CA ASN A 301 7.20 13.63 7.62
C ASN A 301 6.10 12.89 6.84
N ALA A 302 6.40 12.74 5.52
CA ALA A 302 5.41 12.24 4.59
C ALA A 302 5.14 10.74 4.78
N SER A 303 5.97 10.01 5.54
CA SER A 303 5.66 8.61 5.80
C SER A 303 4.46 8.43 6.71
N PHE A 304 4.08 9.46 7.48
CA PHE A 304 3.05 9.32 8.50
C PHE A 304 1.81 10.16 8.26
N ILE A 305 1.89 11.27 7.53
CA ILE A 305 0.78 12.21 7.45
C ILE A 305 -0.33 11.70 6.55
N GLY A 306 0.00 11.40 5.29
CA GLY A 306 -1.00 10.96 4.34
C GLY A 306 -1.76 9.72 4.78
N PRO A 307 -1.11 8.73 5.41
CA PRO A 307 -1.87 7.58 5.91
C PRO A 307 -2.89 7.93 6.96
N VAL A 308 -2.61 8.93 7.81
CA VAL A 308 -3.62 9.39 8.77
C VAL A 308 -4.78 10.09 8.03
N ALA A 309 -4.44 10.94 7.03
CA ALA A 309 -5.48 11.51 6.20
C ALA A 309 -6.35 10.42 5.57
N ALA A 310 -5.73 9.32 5.10
CA ALA A 310 -6.51 8.22 4.55
C ALA A 310 -7.46 7.63 5.60
N ALA A 311 -6.94 7.36 6.82
CA ALA A 311 -7.79 6.81 7.87
C ALA A 311 -8.98 7.76 8.16
N SER A 312 -8.74 9.06 8.06
CA SER A 312 -9.75 10.05 8.41
C SER A 312 -10.94 10.02 7.48
N MET A 313 -10.79 9.38 6.30
CA MET A 313 -11.88 9.24 5.36
C MET A 313 -13.08 8.51 5.95
N THR A 314 -12.86 7.65 6.96
CA THR A 314 -13.99 6.85 7.41
C THR A 314 -14.92 7.60 8.35
N GLY A 315 -14.60 8.85 8.68
CA GLY A 315 -15.59 9.75 9.20
C GLY A 315 -15.58 10.11 10.66
N TYR A 316 -14.48 9.90 11.37
CA TYR A 316 -14.43 10.33 12.78
C TYR A 316 -14.73 11.83 12.92
N ASP A 317 -14.10 12.64 12.05
CA ASP A 317 -14.24 14.08 12.10
C ASP A 317 -13.81 14.61 10.72
N LEU A 318 -14.76 15.02 9.91
CA LEU A 318 -14.44 15.48 8.56
C LEU A 318 -13.77 16.81 8.50
N ASN A 319 -13.91 17.65 9.55
CA ASN A 319 -13.11 18.86 9.61
C ASN A 319 -11.62 18.51 9.79
N PHE A 320 -11.34 17.62 10.72
CA PHE A 320 -9.98 17.13 10.93
C PHE A 320 -9.44 16.49 9.61
N ALA A 321 -10.30 15.75 8.90
CA ALA A 321 -9.89 15.16 7.63
C ALA A 321 -9.40 16.24 6.66
N LYS A 322 -10.13 17.37 6.57
CA LYS A 322 -9.71 18.43 5.66
C LYS A 322 -8.35 19.00 6.10
N GLU A 323 -8.13 19.17 7.40
CA GLU A 323 -6.86 19.61 7.89
C GLU A 323 -5.73 18.63 7.53
N LEU A 324 -6.04 17.35 7.62
CA LEU A 324 -5.05 16.31 7.29
C LEU A 324 -4.73 16.31 5.82
N TYR A 325 -5.73 16.51 4.94
CA TYR A 325 -5.46 16.65 3.51
C TYR A 325 -4.43 17.81 3.29
N ARG A 326 -4.75 18.97 3.88
CA ARG A 326 -3.87 20.10 3.66
C ARG A 326 -2.43 19.81 4.12
N GLU A 327 -2.30 19.15 5.28
CA GLU A 327 -0.97 18.80 5.81
C GLU A 327 -0.27 17.79 4.89
N THR A 328 -1.02 16.87 4.32
CA THR A 328 -0.45 15.86 3.40
C THR A 328 0.18 16.56 2.22
N VAL A 329 -0.51 17.55 1.64
CA VAL A 329 0.03 18.30 0.53
C VAL A 329 1.26 19.08 0.97
N ALA A 330 1.17 19.73 2.14
CA ALA A 330 2.17 20.66 2.58
C ALA A 330 3.52 20.02 2.91
N VAL A 331 3.52 18.77 3.42
CA VAL A 331 4.75 18.16 3.89
C VAL A 331 5.27 17.20 2.87
N LYS A 332 6.37 17.56 2.25
CA LYS A 332 7.04 16.76 1.24
C LYS A 332 8.48 16.56 1.70
N ASP A 333 8.95 15.32 1.71
CA ASP A 333 10.26 15.04 2.27
C ASP A 333 11.37 15.51 1.33
N SER A 334 12.50 15.86 1.94
CA SER A 334 13.71 16.22 1.16
C SER A 334 14.20 14.98 0.41
N GLU A 335 14.97 15.24 -0.65
CA GLU A 335 15.20 14.20 -1.63
C GLU A 335 16.16 13.13 -1.20
N TYR A 336 17.07 13.39 -0.24
CA TYR A 336 17.93 12.29 0.22
C TYR A 336 17.12 11.09 0.73
N TYR A 337 15.98 11.39 1.37
CA TYR A 337 15.02 10.40 1.83
CA TYR A 337 14.98 10.47 1.86
C TYR A 337 13.75 10.43 1.00
N GLY A 338 13.83 10.79 -0.27
CA GLY A 338 12.65 11.06 -1.09
C GLY A 338 11.90 9.89 -1.63
N TYR A 339 12.33 8.66 -1.35
CA TYR A 339 11.60 7.50 -1.86
C TYR A 339 10.32 7.21 -1.06
N TYR A 340 10.45 6.86 0.21
CA TYR A 340 9.34 6.13 0.86
C TYR A 340 8.17 7.03 1.20
N GLY A 341 8.43 8.07 1.98
CA GLY A 341 7.36 8.95 2.40
C GLY A 341 6.69 9.62 1.21
N ASN A 342 7.46 10.07 0.22
CA ASN A 342 6.83 10.79 -0.86
C ASN A 342 6.03 9.84 -1.78
N SER A 343 6.37 8.54 -1.77
CA SER A 343 5.54 7.57 -2.45
C SER A 343 4.21 7.34 -1.71
N LEU A 344 4.28 7.17 -0.39
CA LEU A 344 3.04 7.06 0.39
C LEU A 344 2.20 8.33 0.27
N ARG A 345 2.85 9.48 0.24
CA ARG A 345 2.13 10.75 0.07
C ARG A 345 1.33 10.72 -1.22
N LEU A 346 1.95 10.33 -2.33
CA LEU A 346 1.21 10.39 -3.60
C LEU A 346 0.11 9.34 -3.65
N LEU A 347 0.37 8.13 -3.15
CA LEU A 347 -0.65 7.10 -3.13
C LEU A 347 -1.84 7.52 -2.27
N THR A 348 -1.57 8.04 -1.09
CA THR A 348 -2.66 8.46 -0.21
C THR A 348 -3.37 9.69 -0.79
N LEU A 349 -2.65 10.59 -1.44
CA LEU A 349 -3.32 11.70 -2.11
C LEU A 349 -4.26 11.19 -3.18
N LEU A 350 -3.86 10.20 -3.98
CA LEU A 350 -4.80 9.65 -4.95
C LEU A 350 -6.09 9.22 -4.25
N TYR A 351 -5.95 8.46 -3.15
CA TYR A 351 -7.15 7.96 -2.47
C TYR A 351 -8.01 9.08 -1.90
N ILE A 352 -7.41 10.01 -1.13
CA ILE A 352 -8.24 10.98 -0.39
C ILE A 352 -8.82 12.06 -1.26
N THR A 353 -8.38 12.16 -2.52
CA THR A 353 -8.92 13.10 -3.48
C THR A 353 -9.96 12.45 -4.39
N GLY A 354 -10.32 11.17 -4.16
CA GLY A 354 -11.31 10.52 -4.98
C GLY A 354 -10.76 9.91 -6.24
N ASN A 355 -9.48 9.64 -6.28
CA ASN A 355 -8.77 9.12 -7.45
C ASN A 355 -8.14 7.75 -7.24
N PHE A 356 -8.78 6.94 -6.37
CA PHE A 356 -8.37 5.54 -6.20
C PHE A 356 -9.62 4.67 -6.11
N PRO A 357 -10.46 4.64 -7.15
CA PRO A 357 -11.68 3.84 -7.12
C PRO A 357 -11.36 2.36 -7.19
N ASN A 358 -12.33 1.56 -6.72
CA ASN A 358 -12.30 0.11 -6.86
C ASN A 358 -12.12 -0.22 -8.35
N PRO A 359 -11.12 -1.01 -8.74
CA PRO A 359 -10.89 -1.24 -10.17
C PRO A 359 -12.03 -2.06 -10.83
N LEU A 360 -12.88 -2.70 -10.05
CA LEU A 360 -14.01 -3.48 -10.53
C LEU A 360 -15.27 -2.64 -10.67
N SER A 361 -15.21 -1.38 -10.27
CA SER A 361 -16.33 -0.49 -10.41
C SER A 361 -16.35 0.15 -11.79
N ASP A 362 -17.33 1.00 -12.05
CA ASP A 362 -17.36 1.74 -13.31
C ASP A 362 -16.32 2.86 -13.31
N LEU A 363 -15.28 2.69 -14.14
CA LEU A 363 -14.28 3.75 -14.13
C LEU A 363 -14.50 4.85 -15.13
#